data_7I2F
#
_entry.id   7I2F
#
_cell.length_a   82.380
_cell.length_b   115.780
_cell.length_c   147.970
_cell.angle_alpha   90.00
_cell.angle_beta   90.00
_cell.angle_gamma   90.00
#
_symmetry.space_group_name_H-M   'I 2 2 2'
#
loop_
_entity.id
_entity.type
_entity.pdbx_description
1 polymer 'NS5 RNA-dependent RNA polymerase'
2 non-polymer 'ZINC ION'
3 non-polymer '2-(N-MORPHOLINO)-ETHANESULFONIC ACID'
4 non-polymer 'DIMETHYL SULFOXIDE'
5 non-polymer 'PHOSPHATE ION'
6 non-polymer DI(HYDROXYETHYL)ETHER
7 non-polymer [1-(2,2,2-trifluoroethyl)-1H-imidazol-2-yl]acetonitrile
8 non-polymer 'CHLORIDE ION'
9 water water
#
_entity_poly.entity_id   1
_entity_poly.type   'polypeptide(L)'
_entity_poly.pdbx_seq_one_letter_code
;GPGIESETPNLDIIGKRIEKIKQEHETSWHYDQDHPYKTWAYHGSYETKQTGSASSMVNGVVRLLTKPWDIIPMVTQMAM
TDTTPFGQQRVFKEKVDTRTQEPKEGTKKLMKITAEWLWKELGKKKTPRMCTREEFTRKVRSNAALGAIFTDENKWKSAR
EAVEDSGFWELVDKERNLHLEGKCETCVYNMMGKREKKLGEFGKAKGSRAIWYMWLGARFLEFEALGFLNEDHWFSRENS
LSGVEGEGLHKLGYILRDVSKKEGGAMYADDTAGWDTRITLEDLKNEEMVTNHMEGEHKKLAEAIFKLTYQNKVVRVQRP
TPRGTVMDIISRRDQRGSGQVVTYGLNTFTNMEAQLIRQMEGEGVFKSIQHLTVTEEIAVKNWLVRVGRERLSRMAISGD
DCVVKPLDDRFASALTALNDMGKVRKDIQQWEPSRGWNDWTQVPFCSHHFHELIMKDGRVLVVPCRNQDELIGRARISQG
AGWSLRETACLGKSYAQMWSLMYFHRRDLRLAANAICSAVPSHWVPTSRTTWSIHATHEWMTTEDMLTVWNRVWIQENPW
MEDKTPVESWEEIPYLGKREDQWCGSLIGLTSRATWAKNIQTAINQVRSLIGNEEYTDYMPSMKRFRREEEEAGVLW
;
_entity_poly.pdbx_strand_id   A
#
loop_
_chem_comp.id
_chem_comp.type
_chem_comp.name
_chem_comp.formula
CL non-polymer 'CHLORIDE ION' 'Cl -1'
DMS non-polymer 'DIMETHYL SULFOXIDE' 'C2 H6 O S'
MES non-polymer '2-(N-MORPHOLINO)-ETHANESULFONIC ACID' 'C6 H13 N O4 S'
PEG non-polymer DI(HYDROXYETHYL)ETHER 'C4 H10 O3'
PO4 non-polymer 'PHOSPHATE ION' 'O4 P -3'
YXK non-polymer [1-(2,2,2-trifluoroethyl)-1H-imidazol-2-yl]acetonitrile 'C7 H6 F3 N3'
ZN non-polymer 'ZINC ION' 'Zn 2'
#
# COMPACT_ATOMS: atom_id res chain seq x y z
N ASN A 10 -15.78 15.07 -23.51
CA ASN A 10 -15.98 15.43 -22.09
C ASN A 10 -17.46 15.29 -21.75
N LEU A 11 -18.26 16.34 -21.99
CA LEU A 11 -19.70 16.31 -21.59
C LEU A 11 -20.38 15.15 -22.29
N ASP A 12 -19.94 14.83 -23.50
CA ASP A 12 -20.51 13.65 -24.19
C ASP A 12 -20.27 12.43 -23.30
N ILE A 13 -19.10 12.34 -22.64
CA ILE A 13 -18.75 11.13 -21.85
C ILE A 13 -19.26 11.25 -20.42
N ILE A 14 -19.45 12.48 -19.92
CA ILE A 14 -19.84 12.67 -18.50
C ILE A 14 -21.33 12.99 -18.38
N GLY A 15 -21.90 13.64 -19.38
CA GLY A 15 -23.33 14.05 -19.36
C GLY A 15 -24.25 12.97 -18.84
N LYS A 16 -24.32 11.83 -19.53
CA LYS A 16 -25.29 10.79 -19.12
C LYS A 16 -25.16 10.58 -17.62
N ARG A 17 -23.91 10.44 -17.15
CA ARG A 17 -23.68 10.20 -15.70
C ARG A 17 -24.28 11.35 -14.90
N ILE A 18 -24.10 12.58 -15.40
CA ILE A 18 -24.53 13.84 -14.72
C ILE A 18 -26.04 13.99 -14.90
N GLU A 19 -26.52 13.86 -16.16
CA GLU A 19 -27.97 13.85 -16.55
C GLU A 19 -28.75 12.98 -15.56
N LYS A 20 -28.23 11.79 -15.26
CA LYS A 20 -28.88 10.76 -14.40
C LYS A 20 -28.99 11.25 -12.96
N ILE A 21 -27.90 11.77 -12.37
CA ILE A 21 -27.87 12.22 -10.95
C ILE A 21 -28.82 13.42 -10.80
N LYS A 22 -28.78 14.34 -11.76
CA LYS A 22 -29.62 15.56 -11.81
C LYS A 22 -31.10 15.20 -11.63
N GLN A 23 -31.56 14.16 -12.32
CA GLN A 23 -32.99 13.75 -12.26
C GLN A 23 -33.32 13.17 -10.88
N GLU A 24 -32.48 12.29 -10.34
CA GLU A 24 -32.79 11.64 -9.05
C GLU A 24 -32.91 12.72 -7.98
N HIS A 25 -32.35 13.90 -8.23
CA HIS A 25 -32.42 15.03 -7.26
C HIS A 25 -32.98 16.26 -7.97
N GLU A 26 -33.98 16.07 -8.84
CA GLU A 26 -34.57 17.19 -9.62
C GLU A 26 -35.18 18.22 -8.66
N THR A 27 -35.58 17.79 -7.47
CA THR A 27 -36.22 18.71 -6.50
C THR A 27 -35.15 19.26 -5.54
N SER A 28 -33.92 19.45 -6.03
CA SER A 28 -32.84 20.00 -5.17
C SER A 28 -31.78 20.69 -6.05
N TRP A 29 -31.76 20.38 -7.35
CA TRP A 29 -30.68 20.92 -8.22
C TRP A 29 -30.50 22.42 -7.95
N HIS A 30 -29.31 22.82 -7.53
CA HIS A 30 -29.02 24.26 -7.26
C HIS A 30 -27.58 24.58 -7.68
N TYR A 31 -27.42 25.38 -8.74
CA TYR A 31 -26.06 25.71 -9.24
C TYR A 31 -25.41 26.73 -8.30
N ASP A 32 -25.08 26.32 -7.08
CA ASP A 32 -24.49 27.26 -6.08
C ASP A 32 -23.44 28.12 -6.79
N GLN A 33 -23.50 29.44 -6.60
CA GLN A 33 -22.57 30.35 -7.32
C GLN A 33 -21.35 30.63 -6.45
N ASP A 34 -21.37 30.14 -5.20
CA ASP A 34 -20.20 30.31 -4.30
C ASP A 34 -19.42 28.99 -4.25
N HIS A 35 -19.37 28.27 -5.37
CA HIS A 35 -18.66 26.97 -5.41
C HIS A 35 -17.16 27.20 -5.26
N PRO A 36 -16.46 26.43 -4.39
CA PRO A 36 -15.03 26.64 -4.16
C PRO A 36 -14.09 26.00 -5.20
N TYR A 37 -14.64 25.40 -6.25
CA TYR A 37 -13.79 24.66 -7.24
C TYR A 37 -13.17 25.65 -8.21
N LYS A 38 -11.84 25.62 -8.31
CA LYS A 38 -11.09 26.25 -9.43
C LYS A 38 -10.75 25.18 -10.46
N THR A 39 -10.05 24.11 -10.06
CA THR A 39 -9.40 23.14 -11.01
C THR A 39 -10.35 21.98 -11.37
N TRP A 40 -11.37 21.73 -10.54
CA TRP A 40 -12.49 20.80 -10.82
C TRP A 40 -13.62 21.55 -11.53
N ALA A 41 -14.19 20.95 -12.58
CA ALA A 41 -15.39 21.54 -13.22
C ALA A 41 -16.60 21.21 -12.33
N TYR A 42 -17.25 22.23 -11.77
CA TYR A 42 -18.45 22.03 -10.92
C TYR A 42 -19.66 21.95 -11.83
N HIS A 43 -20.56 21.00 -11.58
CA HIS A 43 -21.70 20.81 -12.50
C HIS A 43 -23.04 21.07 -11.79
N GLY A 44 -23.06 21.06 -10.45
CA GLY A 44 -24.30 21.39 -9.71
C GLY A 44 -24.32 20.84 -8.30
N SER A 45 -25.41 21.03 -7.57
CA SER A 45 -25.50 20.58 -6.16
C SER A 45 -26.90 20.06 -5.88
N TYR A 46 -27.10 19.36 -4.74
CA TYR A 46 -28.38 18.77 -4.30
C TYR A 46 -28.31 18.45 -2.79
N GLU A 47 -29.45 18.30 -2.11
CA GLU A 47 -29.58 18.23 -0.63
C GLU A 47 -29.14 16.85 -0.12
N THR A 48 -28.31 16.81 0.93
CA THR A 48 -27.77 15.56 1.54
C THR A 48 -27.67 15.72 3.05
N LYS A 49 -27.10 14.71 3.73
CA LYS A 49 -26.92 14.66 5.21
C LYS A 49 -26.04 13.46 5.58
N SER A 56 -12.18 6.84 15.04
CA SER A 56 -11.32 5.68 15.43
C SER A 56 -11.49 5.36 16.93
N MET A 57 -11.89 4.13 17.26
CA MET A 57 -12.17 3.66 18.66
C MET A 57 -10.90 3.03 19.27
N VAL A 58 -10.78 3.00 20.60
CA VAL A 58 -9.62 2.35 21.27
C VAL A 58 -9.95 0.88 21.53
N ASN A 59 -9.04 -0.01 21.17
CA ASN A 59 -9.06 -1.46 21.47
C ASN A 59 -8.68 -1.66 22.93
N GLY A 60 -9.63 -2.00 23.79
CA GLY A 60 -9.41 -2.08 25.25
C GLY A 60 -8.51 -3.25 25.64
N VAL A 61 -8.51 -4.34 24.87
CA VAL A 61 -7.65 -5.51 25.24
C VAL A 61 -6.20 -5.05 25.09
N VAL A 62 -5.82 -4.46 23.95
CA VAL A 62 -4.42 -3.99 23.72
C VAL A 62 -4.06 -2.90 24.73
N ARG A 63 -4.91 -1.90 24.92
CA ARG A 63 -4.57 -0.80 25.86
C ARG A 63 -4.37 -1.35 27.27
N LEU A 64 -5.23 -2.20 27.80
CA LEU A 64 -5.04 -2.67 29.21
C LEU A 64 -3.72 -3.44 29.33
N LEU A 65 -3.20 -4.03 28.25
CA LEU A 65 -1.94 -4.85 28.36
C LEU A 65 -0.73 -4.03 27.93
N THR A 66 -0.89 -2.72 27.70
CA THR A 66 0.21 -1.80 27.35
C THR A 66 0.13 -0.52 28.21
N LYS A 67 -0.05 -0.65 29.52
CA LYS A 67 -0.27 0.47 30.46
C LYS A 67 0.84 1.52 30.45
N PRO A 68 2.14 1.18 30.42
CA PRO A 68 3.19 2.18 30.42
C PRO A 68 2.98 3.23 29.32
N TRP A 69 2.32 2.83 28.22
CA TRP A 69 2.16 3.75 27.06
C TRP A 69 0.96 4.66 27.30
N ASP A 70 0.24 4.54 28.43
CA ASP A 70 -0.94 5.42 28.71
C ASP A 70 -0.48 6.86 28.90
N ILE A 71 0.82 7.08 29.14
CA ILE A 71 1.42 8.42 29.45
C ILE A 71 2.39 8.87 28.35
N ILE A 72 2.46 8.22 27.18
CA ILE A 72 3.32 8.58 26.02
C ILE A 72 2.44 9.29 25.01
N PRO A 73 2.54 10.64 24.88
CA PRO A 73 1.70 11.40 23.95
C PRO A 73 1.75 10.89 22.50
N MET A 74 2.89 10.44 22.02
CA MET A 74 3.01 9.95 20.63
C MET A 74 2.02 8.79 20.42
N VAL A 75 1.80 7.94 21.43
CA VAL A 75 0.83 6.80 21.40
C VAL A 75 -0.59 7.31 21.61
N THR A 76 -0.85 8.08 22.65
CA THR A 76 -2.22 8.47 23.07
C THR A 76 -2.84 9.44 22.06
N GLN A 77 -2.06 10.32 21.44
CA GLN A 77 -2.60 11.33 20.48
C GLN A 77 -3.00 10.64 19.19
N MET A 78 -2.39 9.49 18.84
CA MET A 78 -2.70 8.78 17.58
C MET A 78 -4.19 8.39 17.58
N ALA A 79 -4.81 8.22 18.75
CA ALA A 79 -6.21 7.72 18.78
C ALA A 79 -7.23 8.86 18.82
N MET A 80 -6.82 10.14 18.85
CA MET A 80 -7.74 11.31 18.94
C MET A 80 -8.09 11.82 17.53
N THR A 81 -9.11 12.68 17.40
CA THR A 81 -9.28 13.63 16.26
C THR A 81 -10.73 13.78 15.85
N GLU A 94 -6.87 20.91 0.00
CA GLU A 94 -6.45 22.03 -0.88
C GLU A 94 -5.23 21.59 -1.72
N LYS A 95 -5.00 20.28 -1.83
CA LYS A 95 -3.99 19.66 -2.72
C LYS A 95 -4.67 18.93 -3.88
N VAL A 96 -5.85 18.35 -3.65
CA VAL A 96 -6.69 17.68 -4.69
C VAL A 96 -7.13 18.73 -5.72
N ASP A 97 -7.40 19.97 -5.27
CA ASP A 97 -7.85 21.10 -6.13
C ASP A 97 -6.61 21.87 -6.60
N THR A 98 -5.61 21.17 -7.16
CA THR A 98 -4.39 21.75 -7.81
C THR A 98 -4.38 21.30 -9.28
N ARG A 99 -3.47 21.90 -10.06
CA ARG A 99 -3.42 21.62 -11.52
C ARG A 99 -1.99 21.43 -12.01
N THR A 100 -1.67 20.25 -12.52
CA THR A 100 -0.33 19.89 -13.09
C THR A 100 -0.28 20.33 -14.56
N GLN A 101 0.86 20.89 -14.98
CA GLN A 101 1.07 21.39 -16.37
C GLN A 101 1.39 20.20 -17.29
N GLU A 102 1.09 20.36 -18.59
CA GLU A 102 1.46 19.39 -19.66
C GLU A 102 2.98 19.37 -19.79
N PRO A 103 3.64 18.20 -19.62
CA PRO A 103 5.08 18.09 -19.83
C PRO A 103 5.51 18.54 -21.22
N LYS A 104 6.80 18.89 -21.37
CA LYS A 104 7.45 19.24 -22.66
C LYS A 104 7.36 18.05 -23.62
N GLU A 105 7.62 18.29 -24.91
CA GLU A 105 7.54 17.28 -26.00
C GLU A 105 8.58 16.17 -25.74
N GLY A 106 9.78 16.56 -25.32
CA GLY A 106 10.89 15.60 -25.05
C GLY A 106 10.54 14.66 -23.90
N THR A 107 10.00 15.21 -22.80
CA THR A 107 9.47 14.47 -21.64
C THR A 107 8.44 13.44 -22.11
N LYS A 108 7.36 13.91 -22.76
CA LYS A 108 6.26 13.10 -23.36
C LYS A 108 6.78 11.92 -24.22
N LYS A 109 7.82 12.15 -25.02
CA LYS A 109 8.42 11.12 -25.91
C LYS A 109 9.16 10.07 -25.06
N LEU A 110 9.90 10.52 -24.05
CA LEU A 110 10.66 9.62 -23.10
C LEU A 110 9.67 8.73 -22.35
N MET A 111 8.56 9.30 -21.89
CA MET A 111 7.47 8.58 -21.17
C MET A 111 6.82 7.51 -22.07
N LYS A 112 6.39 7.88 -23.28
CA LYS A 112 5.74 6.92 -24.21
C LYS A 112 6.71 5.77 -24.57
N ILE A 113 7.96 6.09 -24.88
CA ILE A 113 8.93 5.03 -25.31
C ILE A 113 9.18 4.07 -24.15
N THR A 114 9.30 4.64 -22.93
CA THR A 114 9.63 3.87 -21.70
C THR A 114 8.44 2.99 -21.34
N ALA A 115 7.23 3.56 -21.42
CA ALA A 115 5.95 2.87 -21.12
C ALA A 115 5.74 1.69 -22.09
N GLU A 116 5.89 1.93 -23.40
CA GLU A 116 5.80 0.89 -24.45
C GLU A 116 6.76 -0.27 -24.10
N TRP A 117 8.03 0.02 -23.86
CA TRP A 117 9.04 -1.01 -23.55
C TRP A 117 8.67 -1.72 -22.23
N LEU A 118 8.12 -0.98 -21.25
CA LEU A 118 7.90 -1.55 -19.89
C LEU A 118 6.74 -2.57 -19.93
N TRP A 119 5.60 -2.17 -20.51
CA TRP A 119 4.45 -3.10 -20.73
C TRP A 119 4.90 -4.36 -21.50
N LYS A 120 5.70 -4.24 -22.55
CA LYS A 120 6.21 -5.44 -23.27
C LYS A 120 6.96 -6.32 -22.28
N GLU A 121 7.87 -5.76 -21.49
CA GLU A 121 8.68 -6.58 -20.54
C GLU A 121 7.78 -7.28 -19.54
N LEU A 122 6.78 -6.55 -18.99
CA LEU A 122 5.90 -7.11 -17.93
C LEU A 122 5.06 -8.23 -18.57
N GLY A 123 4.82 -8.11 -19.88
CA GLY A 123 3.93 -9.00 -20.64
C GLY A 123 4.64 -10.23 -21.16
N LYS A 124 5.97 -10.31 -21.10
CA LYS A 124 6.72 -11.42 -21.75
C LYS A 124 6.28 -12.77 -21.18
N LYS A 125 5.99 -12.86 -19.88
CA LYS A 125 5.72 -14.13 -19.17
C LYS A 125 4.35 -14.09 -18.49
N LYS A 126 3.48 -13.14 -18.87
CA LYS A 126 2.10 -13.03 -18.35
C LYS A 126 1.16 -12.86 -19.52
N THR A 127 -0.08 -13.36 -19.38
CA THR A 127 -1.18 -13.17 -20.34
C THR A 127 -2.26 -12.33 -19.69
N PRO A 128 -2.59 -11.13 -20.21
CA PRO A 128 -3.78 -10.44 -19.71
C PRO A 128 -4.99 -11.39 -19.77
N ARG A 129 -5.99 -11.16 -18.92
CA ARG A 129 -7.24 -11.97 -18.95
C ARG A 129 -8.27 -11.30 -18.05
N MET A 130 -9.56 -11.56 -18.31
CA MET A 130 -10.68 -11.01 -17.53
C MET A 130 -10.76 -11.74 -16.18
N CYS A 131 -11.05 -11.01 -15.10
CA CYS A 131 -11.42 -11.61 -13.79
C CYS A 131 -12.94 -11.82 -13.76
N THR A 132 -13.41 -12.77 -12.96
CA THR A 132 -14.79 -13.35 -13.08
C THR A 132 -15.67 -12.95 -11.89
N ARG A 133 -16.99 -12.91 -12.10
CA ARG A 133 -18.03 -12.80 -11.03
C ARG A 133 -17.66 -13.75 -9.89
N GLU A 134 -17.35 -14.99 -10.23
CA GLU A 134 -16.96 -16.05 -9.27
C GLU A 134 -15.85 -15.48 -8.40
N GLU A 135 -14.71 -15.08 -8.99
CA GLU A 135 -13.53 -14.56 -8.24
C GLU A 135 -13.96 -13.39 -7.33
N PHE A 136 -14.75 -12.47 -7.87
CA PHE A 136 -15.28 -11.26 -7.16
C PHE A 136 -16.22 -11.70 -6.03
N THR A 137 -17.17 -12.60 -6.35
CA THR A 137 -18.19 -13.16 -5.42
C THR A 137 -17.48 -13.81 -4.22
N ARG A 138 -16.37 -14.50 -4.45
CA ARG A 138 -15.57 -15.18 -3.39
C ARG A 138 -14.96 -14.12 -2.46
N LYS A 139 -14.24 -13.15 -3.00
CA LYS A 139 -13.54 -12.15 -2.15
C LYS A 139 -14.51 -11.48 -1.18
N VAL A 140 -15.62 -10.94 -1.69
CA VAL A 140 -16.59 -10.18 -0.84
C VAL A 140 -17.05 -11.07 0.32
N ARG A 141 -17.15 -12.39 0.08
CA ARG A 141 -17.58 -13.40 1.09
C ARG A 141 -16.42 -13.71 2.05
N SER A 142 -15.19 -13.33 1.68
CA SER A 142 -13.98 -13.37 2.56
C SER A 142 -13.52 -11.94 2.88
N ASN A 143 -14.47 -10.99 2.91
CA ASN A 143 -14.26 -9.55 3.24
C ASN A 143 -13.37 -8.91 2.17
N LYS A 155 -30.95 -0.90 -1.65
CA LYS A 155 -31.33 -2.18 -2.30
C LYS A 155 -30.69 -3.35 -1.54
N TRP A 156 -29.44 -3.20 -1.09
CA TRP A 156 -28.67 -4.21 -0.29
C TRP A 156 -27.91 -3.51 0.84
N LYS A 157 -27.96 -4.07 2.05
CA LYS A 157 -27.27 -3.55 3.26
C LYS A 157 -25.76 -3.55 3.00
N SER A 158 -25.17 -4.73 2.79
CA SER A 158 -23.72 -4.96 2.56
C SER A 158 -23.48 -5.38 1.10
N ALA A 159 -22.22 -5.55 0.73
CA ALA A 159 -21.80 -6.10 -0.59
C ALA A 159 -22.09 -7.60 -0.62
N ARG A 160 -21.93 -8.28 0.52
CA ARG A 160 -22.19 -9.74 0.69
C ARG A 160 -23.57 -10.09 0.14
N GLU A 161 -24.57 -9.22 0.37
CA GLU A 161 -25.95 -9.51 -0.07
C GLU A 161 -26.09 -9.26 -1.58
N ALA A 162 -25.60 -8.12 -2.07
CA ALA A 162 -25.77 -7.77 -3.50
C ALA A 162 -25.18 -8.87 -4.39
N VAL A 163 -24.01 -9.40 -4.02
CA VAL A 163 -23.33 -10.42 -4.87
C VAL A 163 -24.24 -11.64 -4.98
N GLU A 164 -25.19 -11.79 -4.04
CA GLU A 164 -26.08 -12.97 -4.02
C GLU A 164 -27.45 -12.59 -4.60
N ASP A 165 -27.54 -11.43 -5.25
CA ASP A 165 -28.82 -10.99 -5.88
C ASP A 165 -28.63 -10.89 -7.39
N SER A 166 -29.51 -11.54 -8.17
CA SER A 166 -29.37 -11.55 -9.65
C SER A 166 -29.57 -10.14 -10.21
N GLY A 167 -30.46 -9.35 -9.60
CA GLY A 167 -30.74 -7.99 -10.11
C GLY A 167 -29.47 -7.17 -10.20
N PHE A 168 -28.60 -7.28 -9.20
CA PHE A 168 -27.31 -6.53 -9.19
C PHE A 168 -26.54 -6.88 -10.48
N TRP A 169 -26.43 -8.16 -10.78
CA TRP A 169 -25.65 -8.60 -11.98
C TRP A 169 -26.38 -8.14 -13.25
N GLU A 170 -27.71 -8.04 -13.20
CA GLU A 170 -28.46 -7.51 -14.37
C GLU A 170 -28.07 -6.04 -14.57
N LEU A 171 -28.03 -5.27 -13.48
CA LEU A 171 -27.58 -3.86 -13.57
C LEU A 171 -26.15 -3.87 -14.13
N VAL A 172 -25.30 -4.75 -13.61
CA VAL A 172 -23.90 -4.87 -14.10
C VAL A 172 -23.93 -5.10 -15.61
N ASP A 173 -24.77 -6.03 -16.08
CA ASP A 173 -24.94 -6.38 -17.52
C ASP A 173 -25.30 -5.12 -18.31
N LYS A 174 -26.23 -4.30 -17.80
CA LYS A 174 -26.70 -3.06 -18.46
C LYS A 174 -25.51 -2.12 -18.66
N GLU A 175 -24.76 -1.86 -17.59
CA GLU A 175 -23.56 -0.98 -17.63
C GLU A 175 -22.47 -1.60 -18.52
N ARG A 176 -22.23 -2.90 -18.36
CA ARG A 176 -21.26 -3.66 -19.18
C ARG A 176 -21.56 -3.41 -20.65
N ASN A 177 -22.81 -3.61 -21.09
CA ASN A 177 -23.22 -3.43 -22.51
C ASN A 177 -23.09 -1.95 -22.89
N LEU A 178 -23.40 -1.05 -21.94
CA LEU A 178 -23.16 0.41 -22.09
C LEU A 178 -21.67 0.68 -22.37
N HIS A 179 -20.76 0.09 -21.60
CA HIS A 179 -19.28 0.24 -21.82
C HIS A 179 -18.87 -0.32 -23.19
N LEU A 180 -19.46 -1.42 -23.67
CA LEU A 180 -19.12 -1.98 -25.02
C LEU A 180 -19.59 -0.97 -26.08
N GLU A 181 -20.61 -0.20 -25.77
CA GLU A 181 -21.24 0.84 -26.63
C GLU A 181 -20.44 2.15 -26.58
N GLY A 182 -19.43 2.26 -25.71
CA GLY A 182 -18.59 3.46 -25.55
C GLY A 182 -19.23 4.51 -24.66
N LYS A 183 -20.11 4.10 -23.74
CA LYS A 183 -20.90 5.02 -22.88
C LYS A 183 -20.92 4.51 -21.43
N CYS A 184 -21.31 5.38 -20.50
CA CYS A 184 -21.28 5.16 -19.04
C CYS A 184 -22.44 5.90 -18.38
N GLU A 185 -23.03 5.32 -17.33
CA GLU A 185 -24.21 5.89 -16.63
C GLU A 185 -23.99 5.89 -15.11
N THR A 186 -23.33 4.89 -14.55
CA THR A 186 -23.39 4.64 -13.09
C THR A 186 -21.99 4.62 -12.45
N CYS A 187 -20.92 4.87 -13.19
CA CYS A 187 -19.53 4.80 -12.66
C CYS A 187 -19.11 6.19 -12.17
N VAL A 188 -19.51 6.49 -10.93
CA VAL A 188 -19.34 7.82 -10.29
C VAL A 188 -18.54 7.68 -8.99
N TYR A 189 -17.49 8.45 -8.86
CA TYR A 189 -16.62 8.46 -7.66
C TYR A 189 -17.36 9.19 -6.53
N ASN A 190 -17.15 8.73 -5.29
CA ASN A 190 -17.60 9.35 -4.02
C ASN A 190 -16.38 9.70 -3.17
N MET A 191 -16.04 10.99 -3.07
CA MET A 191 -14.78 11.49 -2.45
C MET A 191 -15.00 11.55 -0.93
N MET A 192 -14.03 11.05 -0.14
CA MET A 192 -14.07 11.00 1.35
C MET A 192 -12.65 10.86 1.93
N ALA A 210 -7.67 10.90 1.10
CA ALA A 210 -8.60 10.99 -0.04
C ALA A 210 -8.79 9.61 -0.67
N ILE A 211 -9.96 8.99 -0.41
CA ILE A 211 -10.32 7.61 -0.89
C ILE A 211 -11.65 7.71 -1.65
N TRP A 212 -11.64 7.32 -2.93
CA TRP A 212 -12.77 7.51 -3.88
C TRP A 212 -13.55 6.19 -4.03
N TYR A 213 -14.67 6.06 -3.31
CA TYR A 213 -15.59 4.90 -3.35
C TYR A 213 -16.44 4.94 -4.62
N MET A 214 -16.68 3.77 -5.23
CA MET A 214 -17.73 3.54 -6.26
C MET A 214 -18.68 2.47 -5.70
N TRP A 215 -19.89 2.35 -6.26
CA TRP A 215 -20.87 1.28 -5.89
C TRP A 215 -20.36 -0.05 -6.46
N LEU A 216 -20.68 -1.16 -5.76
CA LEU A 216 -20.06 -2.50 -5.96
C LEU A 216 -20.02 -2.90 -7.43
N GLY A 217 -21.01 -2.47 -8.23
CA GLY A 217 -21.10 -2.80 -9.66
C GLY A 217 -19.96 -2.24 -10.47
N ALA A 218 -19.68 -0.95 -10.29
CA ALA A 218 -18.53 -0.24 -10.93
C ALA A 218 -17.21 -0.88 -10.52
N ARG A 219 -17.10 -1.31 -9.25
CA ARG A 219 -15.90 -1.99 -8.68
C ARG A 219 -15.62 -3.27 -9.46
N PHE A 220 -16.64 -4.10 -9.68
CA PHE A 220 -16.55 -5.39 -10.41
C PHE A 220 -16.05 -5.15 -11.85
N LEU A 221 -16.63 -4.16 -12.53
CA LEU A 221 -16.29 -3.81 -13.94
C LEU A 221 -14.82 -3.35 -14.00
N GLU A 222 -14.34 -2.65 -12.97
CA GLU A 222 -12.91 -2.28 -12.84
C GLU A 222 -12.10 -3.59 -12.66
N PHE A 223 -12.54 -4.45 -11.74
CA PHE A 223 -11.91 -5.76 -11.37
C PHE A 223 -11.84 -6.71 -12.56
N GLU A 224 -12.94 -6.78 -13.31
CA GLU A 224 -13.11 -7.62 -14.53
C GLU A 224 -11.98 -7.30 -15.51
N ALA A 225 -11.69 -6.01 -15.66
CA ALA A 225 -10.91 -5.51 -16.80
C ALA A 225 -9.44 -5.44 -16.42
N LEU A 226 -9.13 -5.17 -15.14
CA LEU A 226 -7.77 -4.79 -14.68
C LEU A 226 -7.30 -5.61 -13.47
N GLY A 227 -8.19 -6.37 -12.83
CA GLY A 227 -7.89 -7.27 -11.70
C GLY A 227 -6.68 -8.15 -11.96
N PHE A 228 -6.41 -8.49 -13.21
CA PHE A 228 -5.35 -9.48 -13.55
C PHE A 228 -3.99 -8.95 -13.07
N LEU A 229 -3.80 -7.62 -13.08
CA LEU A 229 -2.52 -6.96 -12.70
C LEU A 229 -2.12 -7.38 -11.30
N ASN A 230 -3.08 -7.29 -10.36
CA ASN A 230 -2.88 -7.75 -8.96
C ASN A 230 -3.01 -9.26 -8.87
N GLU A 231 -4.13 -9.83 -9.35
CA GLU A 231 -4.45 -11.28 -9.17
C GLU A 231 -3.37 -12.19 -9.77
N ASP A 232 -2.71 -11.76 -10.86
CA ASP A 232 -1.65 -12.57 -11.50
C ASP A 232 -0.26 -11.98 -11.25
N HIS A 233 -0.09 -11.10 -10.27
CA HIS A 233 1.27 -10.72 -9.78
C HIS A 233 2.11 -10.13 -10.92
N TRP A 234 1.60 -9.16 -11.66
CA TRP A 234 2.37 -8.44 -12.72
C TRP A 234 3.58 -7.68 -12.13
N PHE A 235 3.42 -7.18 -10.90
CA PHE A 235 4.44 -6.35 -10.18
C PHE A 235 5.13 -7.18 -9.10
N SER A 236 5.21 -8.49 -9.32
CA SER A 236 6.11 -9.44 -8.61
C SER A 236 7.57 -9.08 -8.91
N ARG A 237 8.47 -9.25 -7.95
CA ARG A 237 9.90 -9.00 -8.22
C ARG A 237 10.37 -9.89 -9.38
N GLU A 238 9.90 -11.14 -9.43
CA GLU A 238 10.33 -12.10 -10.48
C GLU A 238 9.91 -11.59 -11.86
N ASN A 239 8.73 -10.98 -11.96
CA ASN A 239 8.22 -10.52 -13.27
C ASN A 239 8.61 -9.07 -13.56
N SER A 240 8.74 -8.22 -12.54
CA SER A 240 9.00 -6.76 -12.76
C SER A 240 10.45 -6.37 -12.44
N LEU A 241 11.16 -7.15 -11.62
CA LEU A 241 12.58 -6.87 -11.25
C LEU A 241 12.65 -5.72 -10.23
N SER A 242 11.81 -4.70 -10.38
CA SER A 242 11.76 -3.53 -9.47
C SER A 242 10.68 -3.73 -8.39
N GLY A 243 9.61 -4.46 -8.73
CA GLY A 243 8.43 -4.59 -7.85
C GLY A 243 8.69 -5.47 -6.67
N VAL A 244 7.78 -5.36 -5.71
CA VAL A 244 7.75 -6.16 -4.46
C VAL A 244 6.31 -6.66 -4.19
N GLU A 245 5.41 -6.69 -5.16
CA GLU A 245 4.00 -7.08 -4.86
C GLU A 245 4.01 -8.53 -4.34
N GLY A 246 3.38 -8.75 -3.20
CA GLY A 246 3.28 -10.08 -2.58
C GLY A 246 4.52 -10.47 -1.80
N GLU A 247 5.53 -9.60 -1.69
CA GLU A 247 6.84 -10.06 -1.12
C GLU A 247 6.66 -10.25 0.39
N GLY A 248 6.02 -9.35 1.13
CA GLY A 248 5.95 -9.52 2.61
C GLY A 248 7.10 -8.77 3.33
N LEU A 249 6.83 -8.32 4.55
N LEU A 249 6.82 -8.27 4.54
CA LEU A 249 7.68 -7.38 5.33
CA LEU A 249 7.71 -7.38 5.33
C LEU A 249 8.97 -8.08 5.78
C LEU A 249 9.02 -8.10 5.69
N HIS A 250 8.94 -9.41 5.89
CA HIS A 250 10.08 -10.31 6.20
C HIS A 250 10.97 -10.53 4.97
N LYS A 251 10.58 -10.03 3.79
CA LYS A 251 11.39 -10.15 2.54
C LYS A 251 11.97 -8.79 2.14
N LEU A 252 11.32 -7.67 2.46
CA LEU A 252 11.69 -6.33 1.94
C LEU A 252 13.13 -5.97 2.34
N GLY A 253 13.52 -6.27 3.58
CA GLY A 253 14.89 -6.02 4.05
C GLY A 253 15.95 -6.79 3.26
N TYR A 254 15.73 -8.06 3.00
CA TYR A 254 16.66 -8.90 2.20
C TYR A 254 16.79 -8.31 0.78
N ILE A 255 15.66 -7.84 0.25
CA ILE A 255 15.56 -7.25 -1.12
C ILE A 255 16.39 -5.96 -1.18
N LEU A 256 16.28 -5.08 -0.17
CA LEU A 256 17.07 -3.83 -0.09
C LEU A 256 18.53 -4.17 0.06
N ARG A 257 18.85 -5.17 0.88
CA ARG A 257 20.25 -5.64 1.03
C ARG A 257 20.76 -6.15 -0.33
N ASP A 258 19.93 -6.87 -1.10
CA ASP A 258 20.36 -7.35 -2.46
C ASP A 258 20.65 -6.16 -3.38
N VAL A 259 19.77 -5.17 -3.46
CA VAL A 259 20.06 -3.91 -4.18
C VAL A 259 21.40 -3.33 -3.70
N SER A 260 21.67 -3.24 -2.40
CA SER A 260 22.92 -2.65 -1.85
C SER A 260 24.18 -3.37 -2.41
N LYS A 261 24.08 -4.60 -2.86
CA LYS A 261 25.25 -5.43 -3.26
C LYS A 261 25.73 -5.06 -4.66
N LYS A 262 24.89 -4.34 -5.40
CA LYS A 262 25.18 -3.83 -6.76
C LYS A 262 26.22 -2.72 -6.69
N GLU A 263 27.13 -2.68 -7.67
CA GLU A 263 28.04 -1.55 -7.83
C GLU A 263 27.20 -0.30 -8.12
N GLY A 264 27.51 0.82 -7.50
CA GLY A 264 26.84 2.09 -7.83
C GLY A 264 27.05 3.14 -6.77
N GLY A 265 26.19 4.15 -6.72
CA GLY A 265 26.33 5.25 -5.75
C GLY A 265 25.45 5.05 -4.53
N ALA A 266 25.00 6.14 -3.93
CA ALA A 266 24.20 6.13 -2.70
C ALA A 266 22.88 5.42 -3.03
N MET A 267 22.09 5.08 -2.02
CA MET A 267 20.70 4.61 -2.23
C MET A 267 19.80 5.85 -2.08
N TYR A 268 18.90 6.09 -3.02
CA TYR A 268 18.02 7.30 -3.00
C TYR A 268 16.61 6.83 -2.73
N ALA A 269 15.97 7.52 -1.80
CA ALA A 269 14.58 7.22 -1.43
C ALA A 269 13.81 8.52 -1.33
N ASP A 270 13.57 9.17 -2.48
CA ASP A 270 12.81 10.43 -2.55
C ASP A 270 11.32 10.14 -2.62
N ASP A 271 10.57 10.65 -1.64
CA ASP A 271 9.08 10.63 -1.62
C ASP A 271 8.54 11.76 -2.51
N THR A 272 7.44 11.50 -3.23
CA THR A 272 6.73 12.49 -4.08
C THR A 272 5.60 13.12 -3.26
N ALA A 273 5.53 14.45 -3.24
CA ALA A 273 4.54 15.25 -2.49
C ALA A 273 3.15 15.10 -3.14
N GLY A 274 2.37 14.12 -2.69
CA GLY A 274 0.99 13.85 -3.16
C GLY A 274 0.98 13.24 -4.55
N TRP A 275 1.54 12.03 -4.68
CA TRP A 275 1.73 11.30 -5.97
C TRP A 275 0.43 11.26 -6.78
N ASP A 276 -0.69 10.92 -6.14
CA ASP A 276 -2.00 10.68 -6.80
C ASP A 276 -2.52 11.99 -7.45
N THR A 277 -2.15 13.15 -6.90
CA THR A 277 -2.57 14.48 -7.44
C THR A 277 -1.66 14.93 -8.59
N ARG A 278 -0.51 14.27 -8.81
CA ARG A 278 0.49 14.64 -9.84
C ARG A 278 0.43 13.68 -11.02
N ILE A 279 -0.53 12.75 -11.02
CA ILE A 279 -0.73 11.84 -12.18
C ILE A 279 -1.37 12.66 -13.32
N THR A 280 -0.63 12.81 -14.41
CA THR A 280 -0.99 13.66 -15.56
C THR A 280 -1.90 12.85 -16.48
N LEU A 281 -2.57 13.51 -17.41
CA LEU A 281 -3.35 12.83 -18.47
C LEU A 281 -2.36 12.00 -19.31
N GLU A 282 -1.12 12.44 -19.45
CA GLU A 282 -0.08 11.73 -20.25
C GLU A 282 0.30 10.41 -19.55
N ASP A 283 0.34 10.43 -18.23
CA ASP A 283 0.49 9.22 -17.38
C ASP A 283 -0.71 8.26 -17.61
N LEU A 284 -1.94 8.77 -17.52
CA LEU A 284 -3.18 7.94 -17.71
C LEU A 284 -3.16 7.28 -19.11
N LYS A 285 -2.68 7.98 -20.16
CA LYS A 285 -2.54 7.46 -21.55
C LYS A 285 -1.41 6.44 -21.67
N ASN A 286 -0.30 6.59 -20.96
CA ASN A 286 0.80 5.59 -21.01
C ASN A 286 0.38 4.29 -20.31
N GLU A 287 -0.37 4.39 -19.22
CA GLU A 287 -0.96 3.25 -18.45
C GLU A 287 -1.96 2.45 -19.35
N GLU A 288 -2.79 3.17 -20.11
CA GLU A 288 -3.80 2.61 -21.04
C GLU A 288 -3.14 1.69 -22.08
N MET A 289 -1.87 1.92 -22.42
CA MET A 289 -1.17 1.08 -23.43
C MET A 289 -1.10 -0.39 -22.99
N VAL A 290 -1.41 -0.75 -21.73
CA VAL A 290 -1.53 -2.21 -21.36
C VAL A 290 -2.61 -2.85 -22.26
N THR A 291 -3.63 -2.10 -22.70
CA THR A 291 -4.75 -2.61 -23.56
C THR A 291 -4.23 -3.08 -24.91
N ASN A 292 -3.17 -2.49 -25.42
CA ASN A 292 -2.44 -2.99 -26.62
C ASN A 292 -1.99 -4.44 -26.45
N HIS A 293 -2.04 -5.03 -25.24
CA HIS A 293 -1.56 -6.42 -25.03
C HIS A 293 -2.76 -7.38 -24.91
N MET A 294 -3.95 -6.84 -25.10
CA MET A 294 -5.24 -7.52 -24.85
C MET A 294 -5.93 -7.84 -26.18
N GLU A 295 -7.11 -8.42 -26.09
CA GLU A 295 -7.85 -8.89 -27.29
C GLU A 295 -9.35 -8.99 -27.03
N GLY A 296 -10.11 -8.97 -28.13
CA GLY A 296 -11.56 -9.20 -28.13
C GLY A 296 -12.24 -8.33 -27.09
N GLU A 297 -13.22 -8.91 -26.41
CA GLU A 297 -14.08 -8.26 -25.40
C GLU A 297 -13.21 -7.58 -24.33
N HIS A 298 -12.20 -8.30 -23.83
CA HIS A 298 -11.35 -7.87 -22.70
C HIS A 298 -10.79 -6.50 -23.09
N LYS A 299 -10.15 -6.45 -24.24
CA LYS A 299 -9.53 -5.23 -24.79
C LYS A 299 -10.55 -4.08 -24.75
N LYS A 300 -11.81 -4.34 -25.10
CA LYS A 300 -12.85 -3.29 -25.22
C LYS A 300 -13.28 -2.85 -23.83
N LEU A 301 -13.41 -3.79 -22.91
CA LEU A 301 -13.80 -3.51 -21.50
C LEU A 301 -12.71 -2.65 -20.82
N ALA A 302 -11.43 -3.05 -20.93
CA ALA A 302 -10.26 -2.32 -20.37
C ALA A 302 -10.20 -0.92 -20.97
N GLU A 303 -10.31 -0.80 -22.29
CA GLU A 303 -10.36 0.51 -23.01
C GLU A 303 -11.43 1.40 -22.39
N ALA A 304 -12.59 0.83 -22.07
CA ALA A 304 -13.76 1.58 -21.59
C ALA A 304 -13.48 2.11 -20.18
N ILE A 305 -12.92 1.27 -19.30
CA ILE A 305 -12.56 1.71 -17.94
C ILE A 305 -11.56 2.88 -18.07
N PHE A 306 -10.54 2.76 -18.91
CA PHE A 306 -9.51 3.83 -19.04
C PHE A 306 -10.15 5.11 -19.60
N LYS A 307 -10.92 5.02 -20.70
CA LYS A 307 -11.60 6.16 -21.38
C LYS A 307 -12.59 6.83 -20.43
N LEU A 308 -13.48 6.05 -19.84
CA LEU A 308 -14.77 6.59 -19.33
C LEU A 308 -14.68 6.85 -17.82
N THR A 309 -13.83 6.13 -17.08
CA THR A 309 -13.79 6.27 -15.61
C THR A 309 -12.48 6.90 -15.15
N TYR A 310 -11.36 6.70 -15.86
CA TYR A 310 -10.02 7.16 -15.39
C TYR A 310 -9.69 8.50 -16.08
N GLN A 311 -9.82 8.59 -17.40
CA GLN A 311 -9.40 9.76 -18.19
C GLN A 311 -10.55 10.78 -18.29
N ASN A 312 -11.70 10.45 -17.71
CA ASN A 312 -12.85 11.36 -17.45
C ASN A 312 -13.51 10.86 -16.17
N LYS A 313 -13.84 11.76 -15.25
CA LYS A 313 -14.20 11.34 -13.88
C LYS A 313 -15.40 12.17 -13.41
N VAL A 314 -16.33 11.53 -12.73
CA VAL A 314 -17.47 12.23 -12.08
C VAL A 314 -17.42 11.82 -10.63
N VAL A 315 -17.52 12.81 -9.76
CA VAL A 315 -17.33 12.63 -8.31
C VAL A 315 -18.45 13.37 -7.58
N ARG A 316 -18.97 12.77 -6.53
CA ARG A 316 -19.91 13.46 -5.61
C ARG A 316 -19.14 13.75 -4.32
N VAL A 317 -19.16 15.01 -3.88
CA VAL A 317 -18.45 15.51 -2.67
C VAL A 317 -19.44 16.23 -1.74
N GLN A 318 -19.31 16.03 -0.43
CA GLN A 318 -20.11 16.71 0.62
C GLN A 318 -19.46 18.05 0.96
N ARG A 319 -20.24 19.13 0.98
CA ARG A 319 -19.77 20.51 1.33
C ARG A 319 -20.69 21.07 2.41
N PRO A 320 -20.16 21.64 3.53
CA PRO A 320 -21.00 22.00 4.68
C PRO A 320 -21.86 23.28 4.50
N THR A 321 -21.50 24.12 3.54
CA THR A 321 -22.21 25.40 3.21
C THR A 321 -23.63 25.09 2.70
N THR A 325 -25.62 21.15 4.33
CA THR A 325 -24.70 20.24 3.60
C THR A 325 -25.30 19.91 2.22
N VAL A 326 -24.62 20.27 1.13
CA VAL A 326 -25.02 19.90 -0.26
C VAL A 326 -24.03 18.83 -0.76
N MET A 327 -24.42 18.10 -1.82
CA MET A 327 -23.51 17.22 -2.61
C MET A 327 -23.19 17.94 -3.92
N ASP A 328 -21.91 18.25 -4.15
CA ASP A 328 -21.40 18.91 -5.39
C ASP A 328 -20.97 17.82 -6.38
N ILE A 329 -21.39 17.95 -7.64
CA ILE A 329 -21.05 16.98 -8.70
C ILE A 329 -19.99 17.64 -9.56
N ILE A 330 -18.75 17.23 -9.37
CA ILE A 330 -17.56 17.87 -10.00
C ILE A 330 -16.96 16.85 -10.96
N SER A 331 -16.21 17.29 -11.96
CA SER A 331 -15.51 16.44 -12.94
C SER A 331 -14.07 16.96 -13.19
N ARG A 332 -13.18 16.08 -13.63
CA ARG A 332 -11.81 16.39 -14.12
C ARG A 332 -11.27 15.17 -14.87
N ARG A 333 -10.21 15.36 -15.66
CA ARG A 333 -9.65 14.37 -16.61
C ARG A 333 -8.33 13.76 -16.10
N ASP A 334 -7.60 14.47 -15.24
CA ASP A 334 -6.25 14.06 -14.74
C ASP A 334 -6.35 13.66 -13.27
N GLN A 335 -5.20 13.28 -12.66
CA GLN A 335 -5.06 12.77 -11.27
C GLN A 335 -5.51 11.31 -11.21
N ARG A 336 -5.09 10.60 -10.15
CA ARG A 336 -5.42 9.18 -9.91
C ARG A 336 -6.72 9.09 -9.14
N GLY A 337 -7.53 8.15 -9.62
CA GLY A 337 -8.87 7.77 -9.14
C GLY A 337 -9.18 6.41 -9.70
N SER A 338 -9.15 5.40 -8.84
CA SER A 338 -9.37 3.97 -9.16
C SER A 338 -9.61 3.29 -7.81
N GLY A 339 -9.91 1.99 -7.83
CA GLY A 339 -9.81 1.14 -6.63
C GLY A 339 -8.40 1.16 -6.06
N GLN A 340 -8.29 1.05 -4.75
CA GLN A 340 -6.99 1.15 -4.08
C GLN A 340 -6.05 0.13 -4.76
N VAL A 341 -6.55 -1.02 -5.23
CA VAL A 341 -5.65 -2.11 -5.70
C VAL A 341 -5.19 -1.84 -7.14
N VAL A 342 -6.04 -1.28 -8.00
CA VAL A 342 -5.55 -0.92 -9.36
C VAL A 342 -4.65 0.33 -9.24
N THR A 343 -4.96 1.24 -8.32
CA THR A 343 -4.10 2.39 -7.99
C THR A 343 -2.67 1.92 -7.67
N TYR A 344 -2.54 0.89 -6.85
CA TYR A 344 -1.24 0.35 -6.41
C TYR A 344 -0.46 -0.10 -7.65
N GLY A 345 -1.07 -0.91 -8.52
CA GLY A 345 -0.36 -1.48 -9.69
C GLY A 345 0.05 -0.40 -10.69
N LEU A 346 -0.82 0.58 -10.96
CA LEU A 346 -0.55 1.64 -11.97
C LEU A 346 0.43 2.68 -11.39
N ASN A 347 0.30 2.99 -10.10
CA ASN A 347 1.34 3.75 -9.34
C ASN A 347 2.70 3.06 -9.48
N THR A 348 2.83 1.76 -9.19
CA THR A 348 4.12 1.04 -9.33
C THR A 348 4.64 1.19 -10.77
N PHE A 349 3.77 1.02 -11.77
CA PHE A 349 4.14 1.03 -13.21
C PHE A 349 4.73 2.41 -13.55
N THR A 350 3.97 3.46 -13.25
CA THR A 350 4.33 4.84 -13.63
C THR A 350 5.59 5.28 -12.83
N ASN A 351 5.69 4.89 -11.55
CA ASN A 351 6.89 5.11 -10.71
C ASN A 351 8.08 4.35 -11.31
N MET A 352 7.92 3.11 -11.71
CA MET A 352 9.03 2.38 -12.40
C MET A 352 9.51 3.20 -13.61
N GLU A 353 8.59 3.78 -14.37
CA GLU A 353 8.85 4.51 -15.65
C GLU A 353 9.62 5.83 -15.32
N ALA A 354 9.09 6.61 -14.38
CA ALA A 354 9.74 7.86 -13.93
C ALA A 354 11.17 7.58 -13.45
N GLN A 355 11.39 6.53 -12.66
CA GLN A 355 12.73 6.24 -12.09
C GLN A 355 13.69 5.70 -13.18
N LEU A 356 13.25 4.95 -14.18
CA LEU A 356 14.15 4.55 -15.31
C LEU A 356 14.62 5.81 -16.04
N ILE A 357 13.73 6.80 -16.21
CA ILE A 357 13.99 8.03 -16.99
C ILE A 357 14.97 8.92 -16.19
N ARG A 358 14.76 9.08 -14.88
CA ARG A 358 15.69 9.81 -14.01
C ARG A 358 17.06 9.14 -14.07
N GLN A 359 17.13 7.82 -14.08
CA GLN A 359 18.40 7.09 -14.23
C GLN A 359 18.98 7.43 -15.62
N MET A 360 18.15 7.54 -16.65
CA MET A 360 18.62 7.86 -18.04
C MET A 360 19.32 9.24 -18.02
N GLU A 361 18.68 10.23 -17.39
CA GLU A 361 19.18 11.61 -17.26
C GLU A 361 20.51 11.60 -16.50
N GLY A 362 20.63 10.87 -15.39
CA GLY A 362 21.92 10.78 -14.67
C GLY A 362 23.04 10.19 -15.54
N GLU A 363 22.71 9.25 -16.42
CA GLU A 363 23.71 8.56 -17.26
C GLU A 363 23.96 9.37 -18.56
N GLY A 364 23.27 10.49 -18.74
CA GLY A 364 23.36 11.32 -19.95
C GLY A 364 22.96 10.56 -21.20
N VAL A 365 21.85 9.80 -21.15
CA VAL A 365 21.28 9.10 -22.34
C VAL A 365 20.67 10.17 -23.24
N PHE A 366 20.10 11.22 -22.65
CA PHE A 366 19.55 12.41 -23.34
C PHE A 366 20.02 13.70 -22.64
N LYS A 367 20.07 14.81 -23.37
CA LYS A 367 20.57 16.13 -22.89
C LYS A 367 19.38 16.99 -22.44
N SER A 368 18.46 17.29 -23.36
CA SER A 368 17.34 18.25 -23.19
C SER A 368 16.01 17.50 -23.11
N ILE A 369 15.13 17.93 -22.21
CA ILE A 369 13.72 17.47 -22.09
C ILE A 369 12.83 18.32 -23.00
N GLN A 370 13.38 19.40 -23.56
CA GLN A 370 12.57 20.34 -24.39
C GLN A 370 12.17 19.62 -25.67
N HIS A 371 13.09 18.86 -26.24
CA HIS A 371 12.82 18.10 -27.48
C HIS A 371 13.84 16.98 -27.61
N LEU A 372 13.43 15.83 -28.15
CA LEU A 372 14.36 14.68 -28.29
C LEU A 372 14.75 14.55 -29.76
N THR A 373 16.04 14.41 -30.01
CA THR A 373 16.53 14.23 -31.40
C THR A 373 16.11 12.86 -31.90
N VAL A 374 16.31 12.61 -33.18
CA VAL A 374 15.99 11.28 -33.77
C VAL A 374 17.02 10.26 -33.25
N THR A 375 18.28 10.69 -33.12
CA THR A 375 19.39 9.85 -32.60
C THR A 375 19.20 9.63 -31.08
N GLU A 376 18.56 10.58 -30.39
CA GLU A 376 18.27 10.49 -28.92
C GLU A 376 17.22 9.40 -28.70
N GLU A 377 16.13 9.35 -29.48
CA GLU A 377 15.19 8.20 -29.48
C GLU A 377 15.97 6.90 -29.70
N ILE A 378 16.90 6.86 -30.65
CA ILE A 378 17.72 5.61 -30.88
C ILE A 378 18.49 5.30 -29.59
N ALA A 379 19.08 6.31 -28.95
CA ALA A 379 19.93 6.13 -27.75
C ALA A 379 19.10 5.60 -26.57
N VAL A 380 17.91 6.17 -26.35
CA VAL A 380 16.99 5.80 -25.26
C VAL A 380 16.51 4.35 -25.49
N LYS A 381 16.08 4.05 -26.72
CA LYS A 381 15.57 2.72 -27.13
C LYS A 381 16.70 1.70 -26.91
N ASN A 382 17.92 2.04 -27.29
CA ASN A 382 19.08 1.11 -27.24
C ASN A 382 19.46 0.87 -25.78
N TRP A 383 19.39 1.92 -24.96
CA TRP A 383 19.67 1.84 -23.50
C TRP A 383 18.72 0.80 -22.88
N LEU A 384 17.44 0.96 -23.11
CA LEU A 384 16.39 0.05 -22.59
C LEU A 384 16.69 -1.41 -22.98
N VAL A 385 17.05 -1.63 -24.24
CA VAL A 385 17.22 -2.99 -24.85
C VAL A 385 18.45 -3.64 -24.22
N ARG A 386 19.50 -2.86 -23.95
CA ARG A 386 20.83 -3.40 -23.54
C ARG A 386 20.95 -3.40 -22.00
N VAL A 387 20.34 -2.44 -21.28
CA VAL A 387 20.53 -2.35 -19.80
C VAL A 387 19.24 -2.17 -19.00
N GLY A 388 18.07 -2.02 -19.66
CA GLY A 388 16.78 -1.76 -19.00
C GLY A 388 16.51 -2.72 -17.85
N ARG A 389 16.81 -4.00 -18.05
CA ARG A 389 16.48 -5.05 -17.07
C ARG A 389 17.40 -4.86 -15.86
N GLU A 390 18.70 -4.66 -16.12
CA GLU A 390 19.70 -4.42 -15.04
C GLU A 390 19.28 -3.18 -14.23
N ARG A 391 18.89 -2.11 -14.92
CA ARG A 391 18.49 -0.86 -14.26
C ARG A 391 17.22 -1.07 -13.43
N LEU A 392 16.29 -1.91 -13.88
CA LEU A 392 15.03 -2.22 -13.10
C LEU A 392 15.41 -2.91 -11.80
N SER A 393 16.40 -3.80 -11.88
CA SER A 393 16.87 -4.65 -10.76
C SER A 393 17.47 -3.79 -9.64
N ARG A 394 17.96 -2.59 -9.98
CA ARG A 394 18.63 -1.66 -9.04
C ARG A 394 17.61 -0.84 -8.26
N MET A 395 16.36 -1.29 -8.20
CA MET A 395 15.28 -0.51 -7.57
C MET A 395 14.30 -1.43 -6.83
N ALA A 396 13.68 -0.90 -5.79
CA ALA A 396 12.58 -1.52 -5.05
C ALA A 396 11.42 -0.50 -5.08
N ILE A 397 10.30 -0.82 -5.75
CA ILE A 397 9.18 0.11 -5.98
C ILE A 397 7.86 -0.53 -5.53
N SER A 398 7.16 0.21 -4.68
CA SER A 398 5.87 -0.19 -4.11
C SER A 398 4.93 0.97 -4.26
N GLY A 399 4.11 0.97 -5.31
CA GLY A 399 3.26 2.13 -5.61
C GLY A 399 4.11 3.40 -5.69
N ASP A 400 3.75 4.42 -4.90
CA ASP A 400 4.42 5.75 -5.00
C ASP A 400 5.75 5.71 -4.25
N ASP A 401 6.11 4.58 -3.67
CA ASP A 401 7.33 4.47 -2.83
C ASP A 401 8.45 3.81 -3.61
N CYS A 402 9.66 4.37 -3.53
CA CYS A 402 10.84 3.81 -4.20
C CYS A 402 12.13 4.01 -3.39
N VAL A 403 13.03 3.06 -3.61
CA VAL A 403 14.49 3.09 -3.31
C VAL A 403 15.20 2.80 -4.66
N VAL A 404 16.15 3.65 -5.07
CA VAL A 404 16.97 3.47 -6.31
C VAL A 404 18.44 3.50 -5.92
N LYS A 405 19.19 2.48 -6.34
CA LYS A 405 20.67 2.51 -6.30
C LYS A 405 21.17 2.70 -7.74
N PRO A 406 21.37 3.96 -8.15
CA PRO A 406 21.84 4.25 -9.50
C PRO A 406 23.31 3.89 -9.71
N LEU A 407 23.72 3.85 -10.98
CA LEU A 407 25.09 3.55 -11.44
C LEU A 407 26.09 4.44 -10.69
N ASP A 408 25.74 5.71 -10.40
CA ASP A 408 26.64 6.65 -9.66
C ASP A 408 25.83 7.81 -9.07
N ASP A 409 26.47 8.85 -8.56
CA ASP A 409 25.76 9.90 -7.78
C ASP A 409 25.32 11.07 -8.67
N ARG A 410 25.50 11.00 -9.99
CA ARG A 410 24.94 12.02 -10.92
C ARG A 410 23.42 12.05 -10.83
N PHE A 411 22.80 10.90 -10.56
CA PHE A 411 21.34 10.74 -10.31
C PHE A 411 20.83 11.81 -9.32
N ALA A 412 21.60 12.14 -8.29
CA ALA A 412 21.19 13.08 -7.21
C ALA A 412 20.75 14.43 -7.78
N SER A 413 21.42 14.93 -8.84
CA SER A 413 21.14 16.27 -9.42
C SER A 413 20.45 16.14 -10.78
N ALA A 414 19.97 14.95 -11.14
CA ALA A 414 19.23 14.72 -12.41
C ALA A 414 17.75 14.96 -12.14
N LEU A 415 17.28 16.20 -12.26
CA LEU A 415 15.97 16.60 -11.70
C LEU A 415 15.04 17.12 -12.78
N THR A 416 15.46 17.25 -14.04
CA THR A 416 14.66 18.05 -15.00
C THR A 416 13.45 17.23 -15.45
N ALA A 417 13.67 15.98 -15.85
CA ALA A 417 12.58 15.09 -16.30
C ALA A 417 11.63 14.83 -15.13
N LEU A 418 12.17 14.55 -13.94
CA LEU A 418 11.38 14.22 -12.73
C LEU A 418 10.43 15.38 -12.41
N ASN A 419 10.98 16.60 -12.42
CA ASN A 419 10.22 17.83 -12.11
C ASN A 419 9.19 18.07 -13.22
N ASP A 420 9.58 17.90 -14.49
CA ASP A 420 8.70 18.13 -15.67
C ASP A 420 7.57 17.07 -15.76
N MET A 421 7.80 15.83 -15.33
CA MET A 421 6.71 14.81 -15.27
C MET A 421 5.70 15.20 -14.17
N GLY A 422 6.01 16.18 -13.34
CA GLY A 422 5.17 16.56 -12.18
C GLY A 422 5.47 15.76 -10.91
N LYS A 423 6.49 14.89 -10.89
CA LYS A 423 6.83 14.02 -9.72
C LYS A 423 7.83 14.75 -8.79
N VAL A 424 7.34 15.85 -8.26
CA VAL A 424 8.08 16.87 -7.47
C VAL A 424 8.35 16.27 -6.09
N ARG A 425 9.62 16.31 -5.66
CA ARG A 425 10.05 15.65 -4.42
C ARG A 425 9.45 16.42 -3.24
N LYS A 426 9.11 15.72 -2.15
CA LYS A 426 8.62 16.29 -0.87
C LYS A 426 9.81 16.81 -0.01
N ASP A 427 9.59 17.91 0.73
CA ASP A 427 10.52 18.41 1.79
C ASP A 427 11.93 18.70 1.26
N ILE A 428 12.05 19.32 0.08
CA ILE A 428 13.38 19.68 -0.50
C ILE A 428 13.10 20.69 -1.59
N GLN A 429 13.92 21.73 -1.75
CA GLN A 429 13.73 22.74 -2.83
C GLN A 429 13.81 22.03 -4.18
N GLN A 430 12.95 22.44 -5.11
CA GLN A 430 12.70 21.80 -6.43
C GLN A 430 14.02 21.48 -7.13
N TRP A 431 15.02 22.37 -7.03
CA TRP A 431 16.30 22.24 -7.78
C TRP A 431 17.50 21.83 -6.90
N GLU A 432 17.27 21.50 -5.63
CA GLU A 432 18.30 21.04 -4.65
C GLU A 432 18.57 19.54 -4.86
N PRO A 433 19.84 19.12 -5.01
CA PRO A 433 20.16 17.70 -5.22
C PRO A 433 19.70 16.78 -4.08
N SER A 434 19.31 15.57 -4.43
CA SER A 434 18.81 14.55 -3.49
C SER A 434 19.92 14.16 -2.52
N ARG A 435 19.59 13.92 -1.26
CA ARG A 435 20.52 13.43 -0.23
C ARG A 435 20.36 11.91 -0.22
N GLY A 436 21.41 11.19 -0.60
CA GLY A 436 21.42 9.73 -0.67
C GLY A 436 21.76 9.11 0.67
N TRP A 437 21.54 7.80 0.81
CA TRP A 437 21.85 7.04 2.02
C TRP A 437 23.08 6.18 1.71
N ASN A 438 24.02 6.11 2.62
CA ASN A 438 25.25 5.34 2.43
C ASN A 438 25.09 3.94 3.00
N ASP A 439 24.10 3.72 3.87
CA ASP A 439 23.92 2.43 4.59
C ASP A 439 22.49 1.92 4.35
N TRP A 440 22.34 0.73 3.76
CA TRP A 440 21.01 0.13 3.43
C TRP A 440 20.15 -0.02 4.69
N THR A 441 20.74 -0.11 5.88
CA THR A 441 19.99 -0.30 7.14
C THR A 441 19.39 1.01 7.67
N GLN A 442 19.59 2.12 6.95
CA GLN A 442 19.06 3.45 7.32
C GLN A 442 18.03 3.94 6.29
N VAL A 443 17.95 3.28 5.13
CA VAL A 443 16.98 3.63 4.06
C VAL A 443 15.57 3.39 4.55
N PRO A 444 14.68 4.40 4.44
CA PRO A 444 13.25 4.19 4.65
C PRO A 444 12.58 3.58 3.42
N PHE A 445 11.71 2.60 3.64
CA PHE A 445 10.90 1.93 2.60
C PHE A 445 9.64 1.36 3.24
N CYS A 446 8.47 1.67 2.68
CA CYS A 446 7.14 1.14 3.11
C CYS A 446 6.94 1.35 4.61
N SER A 447 7.33 2.53 5.12
CA SER A 447 7.13 2.98 6.52
C SER A 447 8.09 2.24 7.47
N HIS A 448 9.09 1.53 6.95
CA HIS A 448 10.06 0.76 7.77
C HIS A 448 11.53 1.11 7.52
N HIS A 449 12.40 0.64 8.40
CA HIS A 449 13.86 0.45 8.18
C HIS A 449 14.14 -0.99 8.57
N PHE A 450 15.34 -1.47 8.26
CA PHE A 450 15.69 -2.91 8.34
C PHE A 450 17.01 -3.09 9.07
N HIS A 451 17.02 -3.95 10.09
CA HIS A 451 18.23 -4.28 10.87
C HIS A 451 18.75 -5.60 10.34
N GLU A 452 20.07 -5.75 10.35
CA GLU A 452 20.79 -7.04 10.16
C GLU A 452 21.04 -7.64 11.55
N LEU A 453 20.65 -8.88 11.79
CA LEU A 453 20.61 -9.42 13.16
C LEU A 453 21.12 -10.86 13.11
N ILE A 454 22.17 -11.12 13.86
CA ILE A 454 22.91 -12.43 13.82
C ILE A 454 22.38 -13.30 14.96
N MET A 455 21.92 -14.50 14.63
CA MET A 455 21.45 -15.51 15.63
C MET A 455 22.67 -16.17 16.29
N LYS A 456 22.52 -16.61 17.54
N LYS A 456 22.50 -16.64 17.52
CA LYS A 456 23.58 -17.32 18.30
CA LYS A 456 23.57 -17.32 18.31
C LYS A 456 24.31 -18.32 17.39
C LYS A 456 24.30 -18.34 17.41
N ASP A 457 23.60 -18.93 16.43
CA ASP A 457 24.13 -19.99 15.53
C ASP A 457 24.75 -19.41 14.25
N GLY A 458 24.91 -18.08 14.18
CA GLY A 458 25.57 -17.43 13.03
C GLY A 458 24.63 -17.09 11.88
N ARG A 459 23.46 -17.71 11.78
CA ARG A 459 22.57 -17.43 10.62
C ARG A 459 22.07 -15.97 10.73
N VAL A 460 21.78 -15.37 9.59
CA VAL A 460 21.51 -13.92 9.49
C VAL A 460 20.02 -13.66 9.23
N LEU A 461 19.39 -12.88 10.11
CA LEU A 461 18.01 -12.40 9.91
C LEU A 461 18.09 -10.92 9.49
N VAL A 462 17.32 -10.55 8.48
CA VAL A 462 17.13 -9.12 8.11
C VAL A 462 15.70 -8.81 8.48
N VAL A 463 15.51 -7.96 9.47
CA VAL A 463 14.21 -7.84 10.19
C VAL A 463 13.66 -6.45 9.96
N PRO A 464 12.32 -6.30 9.81
CA PRO A 464 11.71 -4.98 9.67
C PRO A 464 11.53 -4.28 11.03
N CYS A 465 11.56 -2.95 11.01
CA CYS A 465 11.50 -2.13 12.23
C CYS A 465 10.85 -0.78 11.92
N ARG A 466 10.16 -0.18 12.91
CA ARG A 466 9.87 1.26 12.94
C ARG A 466 9.71 1.71 14.39
N ASN A 467 9.61 3.02 14.57
CA ASN A 467 9.45 3.64 15.91
C ASN A 467 8.32 2.90 16.64
N GLN A 468 8.63 2.41 17.82
CA GLN A 468 7.76 1.47 18.53
C GLN A 468 6.52 2.24 19.00
N ASP A 469 6.59 3.55 19.13
CA ASP A 469 5.36 4.32 19.48
C ASP A 469 4.33 4.15 18.36
N GLU A 470 4.76 4.10 17.10
CA GLU A 470 3.85 3.95 15.93
C GLU A 470 3.18 2.57 16.02
N LEU A 471 3.94 1.51 16.32
CA LEU A 471 3.44 0.11 16.40
C LEU A 471 2.38 -0.01 17.50
N ILE A 472 2.67 0.46 18.71
CA ILE A 472 1.74 0.41 19.88
C ILE A 472 0.52 1.32 19.65
N GLY A 473 0.69 2.55 19.15
CA GLY A 473 -0.45 3.45 18.84
C GLY A 473 -1.43 2.84 17.81
N ARG A 474 -0.94 2.11 16.79
CA ARG A 474 -1.79 1.51 15.74
C ARG A 474 -2.59 0.35 16.34
N ALA A 475 -1.94 -0.54 17.11
CA ALA A 475 -2.58 -1.73 17.70
C ALA A 475 -3.68 -1.30 18.68
N ARG A 476 -3.59 -0.11 19.26
CA ARG A 476 -4.58 0.39 20.27
C ARG A 476 -5.82 0.96 19.56
N ILE A 477 -5.85 0.94 18.25
CA ILE A 477 -6.97 1.53 17.45
C ILE A 477 -7.71 0.42 16.71
N SER A 478 -9.04 0.42 16.83
N SER A 478 -9.04 0.40 16.83
CA SER A 478 -9.97 -0.43 16.05
CA SER A 478 -9.95 -0.48 16.04
C SER A 478 -10.68 0.42 15.00
C SER A 478 -10.74 0.38 15.04
N GLN A 479 -10.95 -0.17 13.83
CA GLN A 479 -11.70 0.50 12.73
C GLN A 479 -13.13 -0.02 12.78
N GLY A 480 -14.05 0.81 13.29
CA GLY A 480 -15.50 0.56 13.25
C GLY A 480 -16.10 0.56 14.64
N ALA A 481 -17.43 0.48 14.69
CA ALA A 481 -18.27 0.37 15.90
C ALA A 481 -19.07 -0.94 15.82
N GLY A 482 -19.77 -1.27 16.92
CA GLY A 482 -20.57 -2.50 17.10
C GLY A 482 -19.72 -3.73 17.36
N TRP A 483 -18.47 -3.55 17.82
CA TRP A 483 -17.52 -4.67 18.05
C TRP A 483 -17.81 -5.33 19.41
N SER A 484 -18.00 -6.65 19.38
CA SER A 484 -18.10 -7.49 20.61
C SER A 484 -16.74 -7.49 21.31
N LEU A 485 -16.70 -7.85 22.59
CA LEU A 485 -15.44 -8.04 23.36
C LEU A 485 -14.60 -9.11 22.66
N ARG A 486 -15.26 -10.15 22.14
CA ARG A 486 -14.61 -11.30 21.44
C ARG A 486 -13.96 -10.79 20.14
N GLU A 487 -14.67 -9.95 19.40
CA GLU A 487 -14.14 -9.33 18.15
C GLU A 487 -12.92 -8.48 18.49
N THR A 488 -13.04 -7.65 19.53
CA THR A 488 -11.96 -6.74 20.02
C THR A 488 -10.74 -7.60 20.41
N ALA A 489 -10.95 -8.65 21.20
CA ALA A 489 -9.88 -9.57 21.67
C ALA A 489 -9.17 -10.19 20.46
N CYS A 490 -9.93 -10.63 19.45
CA CYS A 490 -9.42 -11.34 18.24
C CYS A 490 -8.61 -10.37 17.39
N LEU A 491 -9.01 -9.09 17.33
CA LEU A 491 -8.20 -8.04 16.65
C LEU A 491 -6.89 -7.81 17.43
N GLY A 492 -6.96 -7.70 18.76
CA GLY A 492 -5.76 -7.61 19.60
C GLY A 492 -4.78 -8.77 19.35
N LYS A 493 -5.30 -9.98 19.23
CA LYS A 493 -4.52 -11.21 18.93
C LYS A 493 -3.89 -11.13 17.54
N SER A 494 -4.56 -10.55 16.55
CA SER A 494 -3.98 -10.34 15.20
C SER A 494 -2.73 -9.47 15.35
N TYR A 495 -2.79 -8.40 16.14
CA TYR A 495 -1.60 -7.51 16.31
C TYR A 495 -0.47 -8.24 17.03
N ALA A 496 -0.80 -8.94 18.13
CA ALA A 496 0.15 -9.73 18.93
C ALA A 496 0.88 -10.72 18.03
N GLN A 497 0.17 -11.45 17.18
CA GLN A 497 0.78 -12.49 16.30
C GLN A 497 1.63 -11.80 15.21
N MET A 498 1.21 -10.64 14.74
CA MET A 498 2.06 -9.89 13.78
C MET A 498 3.37 -9.53 14.47
N TRP A 499 3.31 -9.00 15.69
CA TRP A 499 4.48 -8.53 16.46
C TRP A 499 5.45 -9.70 16.69
N SER A 500 4.94 -10.89 17.06
N SER A 500 4.95 -10.90 17.06
CA SER A 500 5.76 -12.11 17.31
CA SER A 500 5.77 -12.11 17.31
C SER A 500 6.47 -12.53 16.02
C SER A 500 6.46 -12.54 16.02
N LEU A 501 5.83 -12.34 14.86
CA LEU A 501 6.39 -12.78 13.56
C LEU A 501 7.38 -11.76 12.98
N MET A 502 7.05 -10.48 13.03
CA MET A 502 7.81 -9.44 12.30
C MET A 502 8.71 -8.66 13.27
N TYR A 503 8.23 -8.39 14.50
CA TYR A 503 8.85 -7.47 15.47
C TYR A 503 9.35 -8.18 16.74
N PHE A 504 9.66 -9.48 16.67
CA PHE A 504 10.06 -10.35 17.81
C PHE A 504 11.33 -9.80 18.47
N HIS A 505 12.12 -9.07 17.68
CA HIS A 505 13.46 -8.54 18.08
C HIS A 505 13.32 -7.29 18.97
N ARG A 506 12.11 -6.74 19.10
CA ARG A 506 11.80 -5.60 20.00
C ARG A 506 11.35 -6.21 21.33
N ARG A 507 12.11 -5.97 22.41
CA ARG A 507 11.86 -6.52 23.76
C ARG A 507 10.40 -6.27 24.19
N ASP A 508 9.92 -5.02 24.06
CA ASP A 508 8.59 -4.65 24.61
C ASP A 508 7.49 -5.38 23.82
N LEU A 509 7.72 -5.63 22.54
CA LEU A 509 6.65 -6.15 21.64
C LEU A 509 6.57 -7.66 21.84
N ARG A 510 7.69 -8.35 22.06
CA ARG A 510 7.68 -9.81 22.26
C ARG A 510 6.95 -10.05 23.58
N LEU A 511 7.22 -9.20 24.59
CA LEU A 511 6.59 -9.34 25.93
C LEU A 511 5.10 -9.02 25.79
N ALA A 512 4.73 -7.94 25.14
CA ALA A 512 3.31 -7.53 25.05
C ALA A 512 2.54 -8.55 24.19
N ALA A 513 3.18 -9.10 23.17
CA ALA A 513 2.57 -10.07 22.25
C ALA A 513 2.20 -11.31 23.07
N ASN A 514 3.16 -11.80 23.85
CA ASN A 514 2.97 -13.00 24.72
C ASN A 514 1.88 -12.71 25.74
N ALA A 515 1.85 -11.53 26.32
CA ALA A 515 0.80 -11.15 27.30
C ALA A 515 -0.56 -11.20 26.59
N ILE A 516 -0.71 -10.61 25.41
CA ILE A 516 -2.04 -10.54 24.75
C ILE A 516 -2.50 -11.97 24.39
N CYS A 517 -1.63 -12.80 23.79
CA CYS A 517 -1.94 -14.18 23.39
C CYS A 517 -2.23 -15.04 24.64
N SER A 518 -1.75 -14.62 25.80
CA SER A 518 -2.04 -15.30 27.09
C SER A 518 -3.42 -14.84 27.59
N ALA A 519 -3.84 -13.62 27.26
CA ALA A 519 -5.04 -12.94 27.84
C ALA A 519 -6.30 -13.27 27.03
N VAL A 520 -6.11 -13.72 25.80
CA VAL A 520 -7.16 -14.07 24.82
C VAL A 520 -7.26 -15.60 24.73
N PRO A 521 -8.49 -16.16 24.73
CA PRO A 521 -8.65 -17.61 24.71
C PRO A 521 -7.82 -18.21 23.57
N SER A 522 -7.11 -19.31 23.87
N SER A 522 -7.14 -19.31 23.88
CA SER A 522 -6.09 -19.96 23.00
CA SER A 522 -6.11 -20.00 23.04
C SER A 522 -6.67 -20.26 21.62
C SER A 522 -6.65 -20.31 21.64
N HIS A 523 -7.91 -20.76 21.55
CA HIS A 523 -8.55 -21.19 20.29
C HIS A 523 -9.29 -20.07 19.53
N TRP A 524 -9.44 -18.85 20.09
CA TRP A 524 -10.14 -17.75 19.36
C TRP A 524 -9.29 -17.31 18.17
N VAL A 525 -9.97 -17.06 17.05
CA VAL A 525 -9.30 -16.88 15.75
C VAL A 525 -9.00 -15.39 15.59
N PRO A 526 -7.75 -15.04 15.22
CA PRO A 526 -7.40 -13.65 14.93
C PRO A 526 -8.28 -13.04 13.81
N THR A 527 -8.62 -11.76 13.94
CA THR A 527 -9.50 -11.10 12.94
C THR A 527 -8.97 -9.72 12.58
N SER A 528 -9.43 -9.16 11.47
CA SER A 528 -9.04 -7.78 11.06
C SER A 528 -10.25 -7.04 10.52
N ALA A 536 0.72 -7.28 1.81
CA ALA A 536 1.26 -8.36 0.96
C ALA A 536 0.90 -9.74 1.55
N THR A 537 1.73 -10.30 2.45
CA THR A 537 1.54 -11.67 3.02
C THR A 537 1.29 -11.57 4.53
N HIS A 538 0.16 -12.11 4.99
CA HIS A 538 -0.34 -12.03 6.39
C HIS A 538 -0.28 -13.41 7.05
N GLU A 539 0.92 -13.93 7.28
CA GLU A 539 1.13 -15.28 7.89
C GLU A 539 0.71 -15.37 9.34
N TRP A 540 0.53 -14.23 10.02
CA TRP A 540 0.12 -14.21 11.44
C TRP A 540 -1.38 -14.45 11.58
N MET A 541 -2.13 -14.49 10.47
CA MET A 541 -3.61 -14.67 10.52
C MET A 541 -3.89 -16.18 10.46
N THR A 542 -3.87 -16.84 11.62
CA THR A 542 -3.85 -18.31 11.78
C THR A 542 -3.96 -18.63 13.27
N THR A 543 -4.36 -19.86 13.58
CA THR A 543 -4.42 -20.43 14.95
C THR A 543 -3.26 -21.41 15.19
N GLU A 544 -2.46 -21.66 14.16
CA GLU A 544 -1.23 -22.49 14.28
C GLU A 544 -0.31 -21.85 15.31
N ASP A 545 0.56 -22.66 15.88
CA ASP A 545 1.56 -22.25 16.91
C ASP A 545 2.51 -21.23 16.27
N MET A 546 2.83 -20.13 16.96
CA MET A 546 3.56 -19.00 16.32
C MET A 546 5.03 -19.40 16.18
N LEU A 547 5.56 -20.26 17.05
CA LEU A 547 6.95 -20.73 16.82
C LEU A 547 7.02 -21.53 15.52
N THR A 548 5.98 -22.30 15.18
CA THR A 548 5.97 -23.12 13.94
C THR A 548 5.91 -22.21 12.69
N VAL A 549 5.00 -21.23 12.68
CA VAL A 549 4.94 -20.16 11.66
C VAL A 549 6.29 -19.45 11.55
N TRP A 550 6.90 -19.03 12.66
CA TRP A 550 8.23 -18.33 12.63
C TRP A 550 9.21 -19.19 11.81
N ASN A 551 9.29 -20.48 12.14
CA ASN A 551 10.24 -21.41 11.51
C ASN A 551 9.95 -21.46 10.00
N ARG A 552 8.68 -21.55 9.62
CA ARG A 552 8.33 -21.66 8.18
C ARG A 552 8.83 -20.39 7.46
N VAL A 553 8.50 -19.23 8.02
CA VAL A 553 8.68 -17.88 7.39
C VAL A 553 10.17 -17.50 7.33
N TRP A 554 10.91 -17.67 8.44
CA TRP A 554 12.27 -17.12 8.62
C TRP A 554 13.32 -18.15 8.21
N ILE A 555 12.98 -19.46 8.22
CA ILE A 555 13.97 -20.54 7.97
C ILE A 555 13.58 -21.30 6.70
N GLN A 556 12.48 -22.07 6.76
CA GLN A 556 12.11 -23.07 5.71
C GLN A 556 11.95 -22.35 4.36
N GLU A 557 11.13 -21.32 4.31
CA GLU A 557 10.68 -20.66 3.06
C GLU A 557 11.55 -19.44 2.73
N ASN A 558 12.62 -19.18 3.50
CA ASN A 558 13.48 -17.97 3.39
C ASN A 558 14.56 -18.27 2.36
N PRO A 559 14.51 -17.73 1.13
CA PRO A 559 15.53 -18.06 0.14
C PRO A 559 16.94 -17.55 0.49
N TRP A 560 17.08 -16.66 1.47
CA TRP A 560 18.42 -16.11 1.85
C TRP A 560 19.09 -16.92 2.98
N MET A 561 18.44 -17.99 3.47
CA MET A 561 18.90 -18.86 4.60
C MET A 561 19.32 -20.22 4.02
N GLU A 562 20.60 -20.55 3.98
CA GLU A 562 21.09 -21.81 3.35
C GLU A 562 20.89 -22.99 4.31
N ASP A 563 21.13 -22.81 5.60
CA ASP A 563 20.96 -23.87 6.62
C ASP A 563 19.50 -23.89 7.09
N LYS A 564 18.82 -25.03 7.01
CA LYS A 564 17.34 -25.10 7.22
C LYS A 564 17.02 -25.70 8.60
N THR A 565 17.97 -25.67 9.53
CA THR A 565 17.80 -26.24 10.88
C THR A 565 16.71 -25.49 11.62
N PRO A 566 15.61 -26.15 12.02
CA PRO A 566 14.49 -25.47 12.67
C PRO A 566 14.99 -24.90 13.99
N VAL A 567 14.35 -23.83 14.42
CA VAL A 567 14.54 -23.27 15.78
C VAL A 567 13.57 -24.03 16.71
N GLU A 568 14.05 -24.38 17.90
CA GLU A 568 13.36 -25.32 18.83
C GLU A 568 12.66 -24.54 19.94
N SER A 569 13.08 -23.31 20.28
CA SER A 569 12.38 -22.43 21.25
C SER A 569 12.53 -20.95 20.91
N TRP A 570 11.72 -20.12 21.55
CA TRP A 570 11.77 -18.66 21.34
C TRP A 570 13.11 -18.11 21.86
N GLU A 571 13.77 -18.81 22.76
CA GLU A 571 15.04 -18.29 23.31
C GLU A 571 16.21 -18.32 22.31
N GLU A 572 16.13 -19.16 21.27
CA GLU A 572 17.16 -19.20 20.18
C GLU A 572 16.97 -17.99 19.25
N ILE A 573 15.89 -17.23 19.42
CA ILE A 573 15.52 -16.10 18.50
C ILE A 573 15.97 -14.79 19.15
N PRO A 574 16.88 -14.07 18.50
CA PRO A 574 17.52 -12.91 19.11
C PRO A 574 16.69 -11.62 19.10
N TYR A 575 17.11 -10.67 19.91
CA TYR A 575 16.65 -9.27 19.94
C TYR A 575 17.74 -8.36 19.36
N LEU A 576 17.37 -7.13 19.00
CA LEU A 576 18.31 -6.03 18.72
C LEU A 576 19.17 -5.81 19.97
N GLY A 577 20.30 -5.11 19.84
CA GLY A 577 21.05 -4.63 21.00
C GLY A 577 20.15 -3.73 21.85
N LYS A 578 20.36 -3.69 23.16
CA LYS A 578 19.48 -2.94 24.07
C LYS A 578 19.50 -1.47 23.68
N ARG A 579 20.65 -0.92 23.30
CA ARG A 579 20.79 0.50 22.88
C ARG A 579 20.03 0.72 21.57
N GLU A 580 20.21 -0.17 20.59
CA GLU A 580 19.44 -0.14 19.31
C GLU A 580 17.94 -0.17 19.63
N ASP A 581 17.51 -1.03 20.57
CA ASP A 581 16.09 -1.17 20.95
C ASP A 581 15.59 0.15 21.52
N GLN A 582 16.39 0.83 22.33
CA GLN A 582 16.00 2.14 22.92
C GLN A 582 15.92 3.22 21.82
N TRP A 583 16.91 3.24 20.93
CA TRP A 583 16.95 4.17 19.77
C TRP A 583 15.66 4.05 18.96
N CYS A 584 15.10 2.84 18.83
CA CYS A 584 13.87 2.64 18.05
C CYS A 584 12.66 2.67 18.98
N GLY A 585 12.79 3.26 20.16
CA GLY A 585 11.60 3.64 20.97
C GLY A 585 11.29 2.74 22.13
N SER A 586 12.09 1.69 22.40
CA SER A 586 11.90 0.81 23.58
C SER A 586 11.82 1.65 24.87
N LEU A 587 10.97 1.25 25.81
CA LEU A 587 10.95 1.80 27.20
C LEU A 587 11.80 0.95 28.13
N ILE A 588 12.57 -0.02 27.62
CA ILE A 588 13.51 -0.83 28.45
C ILE A 588 14.40 0.16 29.21
N GLY A 589 14.53 -0.02 30.52
CA GLY A 589 15.33 0.89 31.37
C GLY A 589 14.47 1.82 32.18
N LEU A 590 13.21 2.08 31.81
CA LEU A 590 12.32 2.91 32.64
C LEU A 590 11.69 2.08 33.76
N THR A 591 11.42 2.77 34.86
CA THR A 591 10.71 2.28 36.07
C THR A 591 9.33 1.77 35.65
N SER A 592 8.56 2.56 34.92
CA SER A 592 7.20 2.17 34.46
C SER A 592 7.20 0.79 33.76
N ARG A 593 8.17 0.57 32.86
CA ARG A 593 8.26 -0.65 32.02
C ARG A 593 8.67 -1.84 32.91
N ALA A 594 9.62 -1.64 33.82
CA ALA A 594 10.06 -2.66 34.80
C ALA A 594 8.87 -3.17 35.65
N THR A 595 7.98 -2.28 36.09
CA THR A 595 6.83 -2.68 36.91
C THR A 595 5.84 -3.48 36.08
N TRP A 596 5.55 -2.96 34.89
CA TRP A 596 4.69 -3.62 33.89
C TRP A 596 5.20 -5.04 33.68
N ALA A 597 6.46 -5.22 33.30
CA ALA A 597 7.04 -6.55 32.98
C ALA A 597 6.91 -7.48 34.20
N LYS A 598 7.31 -6.96 35.36
CA LYS A 598 7.36 -7.68 36.64
C LYS A 598 5.97 -8.18 36.99
N ASN A 599 4.94 -7.35 36.82
CA ASN A 599 3.56 -7.63 37.28
C ASN A 599 2.65 -8.04 36.12
N ILE A 600 3.21 -8.59 35.05
CA ILE A 600 2.43 -8.79 33.79
C ILE A 600 1.27 -9.78 34.00
N GLN A 601 1.49 -10.83 34.79
N GLN A 601 1.48 -10.83 34.80
CA GLN A 601 0.47 -11.89 35.07
CA GLN A 601 0.46 -11.88 35.04
C GLN A 601 -0.78 -11.27 35.68
C GLN A 601 -0.79 -11.27 35.69
N THR A 602 -0.64 -10.15 36.40
CA THR A 602 -1.78 -9.43 37.01
C THR A 602 -2.58 -8.65 35.95
N ALA A 603 -1.91 -8.10 34.94
CA ALA A 603 -2.56 -7.46 33.79
C ALA A 603 -3.26 -8.54 32.98
N ILE A 604 -2.56 -9.65 32.75
CA ILE A 604 -3.15 -10.80 32.02
C ILE A 604 -4.44 -11.25 32.73
N ASN A 605 -4.41 -11.39 34.06
CA ASN A 605 -5.58 -11.85 34.87
C ASN A 605 -6.71 -10.81 34.79
N GLN A 606 -6.42 -9.50 34.74
CA GLN A 606 -7.49 -8.47 34.67
C GLN A 606 -8.32 -8.73 33.40
N VAL A 607 -7.66 -8.92 32.26
CA VAL A 607 -8.31 -9.10 30.94
C VAL A 607 -9.04 -10.46 30.93
N ARG A 608 -8.39 -11.53 31.42
CA ARG A 608 -9.06 -12.85 31.52
C ARG A 608 -10.38 -12.71 32.30
N SER A 609 -10.39 -11.96 33.40
CA SER A 609 -11.59 -11.78 34.26
C SER A 609 -12.69 -11.03 33.50
N LEU A 610 -12.33 -10.14 32.58
CA LEU A 610 -13.35 -9.33 31.83
C LEU A 610 -13.98 -10.21 30.74
N ILE A 611 -13.15 -11.03 30.09
CA ILE A 611 -13.56 -11.92 28.97
C ILE A 611 -14.36 -13.11 29.53
N GLY A 612 -13.91 -13.70 30.64
CA GLY A 612 -14.66 -14.69 31.44
C GLY A 612 -13.96 -16.04 31.51
N ASN A 613 -14.72 -17.10 31.77
CA ASN A 613 -14.20 -18.42 32.17
C ASN A 613 -14.02 -19.24 30.88
N GLU A 614 -12.94 -18.98 30.18
CA GLU A 614 -12.65 -19.55 28.85
C GLU A 614 -11.40 -20.39 29.05
N GLU A 615 -10.92 -21.06 27.99
CA GLU A 615 -9.62 -21.79 28.05
C GLU A 615 -8.51 -20.87 27.53
N TYR A 616 -7.52 -20.63 28.38
CA TYR A 616 -6.33 -19.75 28.22
C TYR A 616 -5.05 -20.58 28.30
N THR A 617 -4.01 -20.14 27.58
CA THR A 617 -2.61 -20.63 27.66
C THR A 617 -1.71 -19.53 28.25
N ASP A 618 -0.75 -19.92 29.10
CA ASP A 618 0.31 -19.00 29.60
C ASP A 618 1.48 -19.07 28.60
N TYR A 619 1.70 -18.02 27.82
CA TYR A 619 2.83 -17.91 26.87
C TYR A 619 4.06 -17.23 27.53
N MET A 620 3.93 -16.65 28.71
CA MET A 620 5.03 -15.86 29.31
C MET A 620 6.29 -16.71 29.60
N PRO A 621 6.20 -17.99 30.03
CA PRO A 621 7.40 -18.83 30.18
C PRO A 621 8.19 -19.17 28.90
N SER A 622 7.68 -18.81 27.71
CA SER A 622 8.47 -18.78 26.45
C SER A 622 9.63 -17.77 26.56
N MET A 623 9.55 -16.88 27.55
CA MET A 623 10.64 -15.90 27.77
C MET A 623 11.43 -16.36 29.01
N LYS A 624 12.77 -16.26 28.97
CA LYS A 624 13.62 -16.76 30.08
C LYS A 624 13.24 -16.14 31.44
N ARG A 625 13.05 -14.82 31.49
CA ARG A 625 12.81 -14.14 32.80
C ARG A 625 11.55 -14.69 33.48
N PHE A 626 10.62 -15.23 32.69
CA PHE A 626 9.35 -15.75 33.26
C PHE A 626 9.45 -17.28 33.40
N ARG A 627 10.41 -17.89 32.73
CA ARG A 627 10.61 -19.36 32.84
C ARG A 627 11.16 -19.61 34.25
N ARG A 628 10.35 -19.36 35.28
CA ARG A 628 10.81 -19.47 36.69
C ARG A 628 12.11 -18.68 36.85
ZN ZN B . 14.80 -0.04 14.25
ZN ZN C . -19.73 2.97 -16.31
O1 MES D . -14.99 -4.00 27.73
O1 MES D . -14.48 -4.02 27.78
C2 MES D . -15.15 -2.99 28.73
C2 MES D . -14.68 -2.92 28.68
C3 MES D . -14.40 -1.73 28.42
C3 MES D . -13.54 -1.93 28.58
N4 MES D . -12.95 -2.04 28.20
N4 MES D . -12.22 -2.59 28.86
C5 MES D . -12.84 -3.05 27.10
C5 MES D . -12.08 -3.80 27.97
C6 MES D . -13.62 -4.29 27.47
C6 MES D . -13.29 -4.71 28.08
C7 MES D . -12.14 -0.80 27.91
C7 MES D . -11.07 -1.61 28.73
C8 MES D . -10.70 -0.88 28.43
C8 MES D . -11.43 -0.29 28.03
S MES D . -9.75 0.63 28.18
S MES D . -10.56 1.18 28.59
O1S MES D . -10.17 1.52 29.24
O1S MES D . -9.85 0.83 29.80
O2S MES D . -8.37 0.23 28.26
O2S MES D . -9.67 1.57 27.54
O3S MES D . -10.09 1.12 26.87
O3S MES D . -11.56 2.17 28.82
S DMS E . 2.60 -16.28 21.56
O DMS E . 3.77 -17.26 21.55
C1 DMS E . 1.43 -16.88 20.39
C2 DMS E . 3.22 -14.89 20.64
S DMS F . 17.46 -14.67 24.27
O DMS F . 16.59 -14.76 23.05
C1 DMS F . 16.36 -14.64 25.67
C2 DMS F . 18.05 -13.00 24.36
S DMS G . -3.41 -6.43 11.67
O DMS G . -3.89 -7.68 11.02
C1 DMS G . -2.52 -5.59 10.40
C2 DMS G . -2.02 -6.93 12.62
P PO4 H . 10.64 6.48 0.18
O1 PO4 H . 11.36 7.62 1.10
O2 PO4 H . 10.75 6.87 -1.35
O3 PO4 H . 11.24 5.03 0.38
O4 PO4 H . 9.22 6.43 0.59
P PO4 I . -5.68 1.30 -28.40
O1 PO4 I . -6.17 2.43 -27.47
O2 PO4 I . -4.32 1.67 -29.05
O3 PO4 I . -5.52 -0.01 -27.58
O4 PO4 I . -6.70 1.05 -29.52
C1 PEG J . 16.26 -13.82 -4.38
O1 PEG J . 15.27 -14.82 -4.30
C2 PEG J . 17.64 -14.38 -4.38
O2 PEG J . 17.85 -15.19 -3.22
C3 PEG J . 18.93 -16.11 -3.35
C4 PEG J . 20.08 -15.67 -2.48
O4 PEG J . 20.40 -16.62 -1.48
C10 YXK K . -9.84 -5.56 -6.23
F01 YXK K . -14.07 -4.72 -5.19
C02 YXK K . -13.02 -5.53 -5.24
F03 YXK K . -13.33 -6.61 -4.55
F04 YXK K . -12.90 -5.92 -6.51
C05 YXK K . -11.78 -4.87 -4.73
N06 YXK K . -10.60 -5.66 -5.10
C07 YXK K . -10.00 -6.60 -4.29
C08 YXK K . -8.90 -7.01 -4.97
N09 YXK K . -8.80 -6.36 -6.18
C11 YXK K . -10.12 -4.60 -7.34
C12 YXK K . -9.12 -4.73 -8.39
N13 YXK K . -8.31 -4.79 -9.19
CL CL L . 23.48 6.81 5.67
#